data_9IWQ
#
_entry.id   9IWQ
#
_cell.length_a   1.00
_cell.length_b   1.00
_cell.length_c   1.00
_cell.angle_alpha   90.00
_cell.angle_beta   90.00
_cell.angle_gamma   90.00
#
_symmetry.space_group_name_H-M   'P 1'
#
_entity_poly.entity_id   1
_entity_poly.type   'polypeptide(L)'
_entity_poly.pdbx_seq_one_letter_code
;AQVINTNSLSLLTQNNLNKSQSALGTAIERLSSGLRINSAKDDAAGQAIANRFTANIKGLTQASRNANDGISIAQTTEGA
LNEINNNLQRVRELAVQSANSTNSQSDLDSIQAEITQRLNEIDRVSGQTQFNGVKVLAQDNTLTIQVGANDGETIDIDLK
QINSQTLGLDTLNVQQKYKVSDTAATVTGYADTTIALDNSTFKAALTAAGVTGTASVVKMSYTDNNGKTIDGGLAVKVGD
DYYSATQNKDGSISINTTKYTADDGTSKTALNKLGGADGKTEVVSIGGKTYAASKAEGHNFKAQPDLAEAAATTTENPLQ
KIDAALAQVDTLRSDLAAVQNRFNSAITNLGNTVNNLTSARSRIEDSDYATEVSNMSRAQILQQAGTSVLAQANQVPQNV
LSLLR
;
_entity_poly.pdbx_strand_id   A
#
# COMPACT_ATOMS: atom_id res chain seq x y z
N ALA A 1 50.89 -71.04 24.23
CA ALA A 1 52.34 -70.87 24.45
C ALA A 1 52.60 -69.81 25.52
N GLN A 2 53.71 -69.91 26.25
CA GLN A 2 54.15 -69.00 27.33
C GLN A 2 54.78 -67.70 26.77
N VAL A 3 54.10 -66.90 25.94
CA VAL A 3 54.73 -65.72 25.27
C VAL A 3 54.67 -64.41 26.07
N ILE A 4 55.71 -63.58 25.95
CA ILE A 4 55.84 -62.27 26.59
C ILE A 4 56.01 -61.11 25.59
N ASN A 5 56.67 -61.33 24.46
CA ASN A 5 56.98 -60.41 23.44
C ASN A 5 55.76 -59.76 22.86
N THR A 6 54.69 -60.45 22.74
CA THR A 6 53.42 -60.14 22.22
C THR A 6 52.30 -60.45 23.17
N ASN A 7 51.28 -59.59 23.27
CA ASN A 7 50.06 -59.88 24.01
C ASN A 7 48.84 -59.64 23.10
N SER A 8 48.46 -60.66 22.33
CA SER A 8 47.37 -60.66 21.44
C SER A 8 46.07 -60.37 22.13
N LEU A 9 45.86 -60.90 23.33
CA LEU A 9 44.64 -60.68 24.10
C LEU A 9 44.48 -59.22 24.55
N SER A 10 45.57 -58.55 24.94
CA SER A 10 45.57 -57.11 25.18
C SER A 10 45.17 -56.33 23.93
N LEU A 11 45.74 -56.66 22.76
CA LEU A 11 45.47 -56.07 21.50
C LEU A 11 44.02 -56.22 21.13
N LEU A 12 43.46 -57.38 21.28
CA LEU A 12 42.12 -57.72 21.04
C LEU A 12 41.15 -56.89 21.84
N THR A 13 41.39 -56.79 23.15
CA THR A 13 40.52 -56.04 24.06
C THR A 13 40.64 -54.52 23.83
N GLN A 14 41.84 -53.99 23.55
CA GLN A 14 42.01 -52.60 23.10
C GLN A 14 41.18 -52.27 21.86
N ASN A 15 41.13 -53.16 20.87
CA ASN A 15 40.39 -53.05 19.68
C ASN A 15 38.91 -52.94 19.93
N ASN A 16 38.36 -53.78 20.75
CA ASN A 16 37.00 -53.84 21.12
C ASN A 16 36.52 -52.58 21.79
N LEU A 17 37.36 -51.90 22.59
CA LEU A 17 37.01 -50.65 23.26
C LEU A 17 36.62 -49.55 22.26
N ASN A 18 37.17 -49.55 21.05
CA ASN A 18 36.87 -48.63 20.02
C ASN A 18 35.41 -48.64 19.65
N LYS A 19 34.84 -49.79 19.49
CA LYS A 19 33.51 -50.02 19.07
C LYS A 19 32.52 -49.33 19.97
N SER A 20 32.64 -49.54 21.28
CA SER A 20 31.74 -48.95 22.29
C SER A 20 32.00 -47.45 22.47
N GLN A 21 33.25 -47.00 22.36
CA GLN A 21 33.60 -45.58 22.37
C GLN A 21 32.88 -44.79 21.27
N SER A 22 32.85 -45.29 20.04
CA SER A 22 32.17 -44.72 18.93
C SER A 22 30.69 -44.61 19.17
N ALA A 23 30.07 -45.65 19.63
CA ALA A 23 28.70 -45.74 19.96
C ALA A 23 28.31 -44.73 21.02
N LEU A 24 29.14 -44.62 22.06
CA LEU A 24 28.92 -43.66 23.14
C LEU A 24 28.95 -42.23 22.61
N GLY A 25 29.91 -41.91 21.74
CA GLY A 25 30.02 -40.66 21.16
C GLY A 25 28.88 -40.24 20.31
N THR A 26 28.36 -41.11 19.51
CA THR A 26 27.22 -40.94 18.70
C THR A 26 26.00 -40.58 19.50
N ALA A 27 25.72 -41.31 20.53
CA ALA A 27 24.62 -41.13 21.42
C ALA A 27 24.67 -39.78 22.08
N ILE A 28 25.82 -39.44 22.69
CA ILE A 28 26.00 -38.16 23.39
C ILE A 28 25.80 -36.98 22.44
N GLU A 29 26.29 -37.06 21.21
CA GLU A 29 26.14 -36.06 20.22
C GLU A 29 24.67 -35.81 19.89
N ARG A 30 23.90 -36.83 19.71
CA ARG A 30 22.52 -36.79 19.40
C ARG A 30 21.69 -36.21 20.53
N LEU A 31 21.99 -36.53 21.75
CA LEU A 31 21.41 -36.00 22.93
C LEU A 31 21.72 -34.53 23.08
N SER A 32 22.91 -34.12 22.75
CA SER A 32 23.42 -32.81 22.82
C SER A 32 22.70 -31.87 21.88
N SER A 33 22.54 -32.24 20.65
CA SER A 33 22.01 -31.50 19.58
C SER A 33 20.51 -31.56 19.43
N GLY A 34 19.88 -32.62 19.80
CA GLY A 34 18.57 -32.93 19.50
C GLY A 34 18.25 -33.42 18.14
N LEU A 35 19.22 -33.67 17.33
CA LEU A 35 19.21 -34.09 15.98
C LEU A 35 19.74 -35.48 15.78
N ARG A 36 19.08 -36.34 15.06
CA ARG A 36 19.55 -37.58 14.58
C ARG A 36 20.64 -37.41 13.54
N ILE A 37 20.45 -36.42 12.67
CA ILE A 37 21.38 -36.13 11.57
C ILE A 37 22.24 -34.96 12.00
N ASN A 38 23.50 -35.16 12.24
CA ASN A 38 24.51 -34.23 12.58
C ASN A 38 25.56 -33.99 11.52
N SER A 39 25.63 -34.87 10.54
CA SER A 39 26.50 -34.71 9.39
C SER A 39 25.97 -35.59 8.27
N ALA A 40 26.45 -35.34 7.05
CA ALA A 40 26.00 -36.12 5.91
C ALA A 40 26.31 -37.60 6.07
N LYS A 41 27.30 -37.95 6.89
CA LYS A 41 27.63 -39.35 7.08
C LYS A 41 26.57 -40.10 7.89
N ASP A 42 25.73 -39.39 8.65
CA ASP A 42 24.60 -40.05 9.32
C ASP A 42 23.58 -40.55 8.31
N ASP A 43 22.98 -39.63 7.55
CA ASP A 43 22.03 -39.97 6.50
C ASP A 43 22.09 -38.89 5.43
N ALA A 44 22.88 -39.14 4.38
CA ALA A 44 23.13 -38.11 3.38
C ALA A 44 21.86 -37.71 2.66
N ALA A 45 21.05 -38.69 2.22
CA ALA A 45 19.79 -38.35 1.58
C ALA A 45 18.87 -37.64 2.56
N GLY A 46 18.80 -38.13 3.80
CA GLY A 46 17.96 -37.49 4.79
C GLY A 46 18.34 -36.03 5.05
N GLN A 47 19.63 -35.75 5.12
CA GLN A 47 20.07 -34.37 5.35
C GLN A 47 19.62 -33.46 4.23
N ALA A 48 19.77 -33.91 2.97
CA ALA A 48 19.38 -33.09 1.84
C ALA A 48 17.87 -32.87 1.80
N ILE A 49 17.10 -33.92 2.08
CA ILE A 49 15.64 -33.80 2.12
C ILE A 49 15.22 -32.88 3.25
N ALA A 50 15.81 -33.05 4.43
CA ALA A 50 15.47 -32.18 5.55
C ALA A 50 15.84 -30.75 5.25
N ASN A 51 16.99 -30.53 4.61
CA ASN A 51 17.41 -29.17 4.26
C ASN A 51 16.44 -28.52 3.27
N ARG A 52 15.94 -29.30 2.30
CA ARG A 52 14.96 -28.76 1.37
C ARG A 52 13.62 -28.50 2.05
N PHE A 53 13.25 -29.32 3.04
CA PHE A 53 12.09 -29.00 3.87
C PHE A 53 12.32 -27.69 4.60
N THR A 54 13.53 -27.47 5.12
CA THR A 54 13.82 -26.24 5.85
C THR A 54 13.61 -25.03 4.95
N ALA A 55 14.07 -25.09 3.71
CA ALA A 55 13.91 -23.96 2.80
C ALA A 55 12.44 -23.65 2.59
N ASN A 56 11.60 -24.68 2.38
CA ASN A 56 10.18 -24.44 2.20
C ASN A 56 9.53 -23.92 3.47
N ILE A 57 9.88 -24.49 4.63
CA ILE A 57 9.31 -24.03 5.88
C ILE A 57 9.62 -22.55 6.09
N LYS A 58 10.86 -22.14 5.94
CA LYS A 58 11.26 -20.77 6.03
C LYS A 58 10.59 -19.92 4.96
N GLY A 59 10.53 -20.41 3.75
CA GLY A 59 9.90 -19.71 2.69
C GLY A 59 8.44 -19.46 2.88
N LEU A 60 7.67 -20.44 3.20
CA LEU A 60 6.28 -20.38 3.45
C LEU A 60 5.96 -19.56 4.67
N THR A 61 6.79 -19.55 5.67
CA THR A 61 6.74 -18.72 6.82
C THR A 61 6.83 -17.26 6.44
N GLN A 62 7.75 -16.89 5.62
CA GLN A 62 7.95 -15.62 5.05
C GLN A 62 6.78 -15.20 4.19
N ALA A 63 6.31 -16.08 3.36
CA ALA A 63 5.19 -15.92 2.51
C ALA A 63 3.96 -15.50 3.26
N SER A 64 3.70 -16.07 4.39
CA SER A 64 2.66 -15.74 5.28
C SER A 64 2.71 -14.30 5.70
N ARG A 65 3.90 -13.83 6.13
CA ARG A 65 4.13 -12.43 6.48
C ARG A 65 3.88 -11.50 5.29
N ASN A 66 4.27 -11.90 4.09
CA ASN A 66 3.97 -11.16 2.86
C ASN A 66 2.46 -11.04 2.60
N ALA A 67 1.68 -12.11 2.80
CA ALA A 67 0.23 -12.10 2.65
C ALA A 67 -0.48 -11.15 3.63
N ASN A 68 0.02 -11.01 4.88
CA ASN A 68 -0.44 -10.01 5.83
C ASN A 68 -0.17 -8.56 5.38
N ASP A 69 0.95 -8.30 4.70
CA ASP A 69 1.22 -7.00 4.07
C ASP A 69 0.24 -6.73 2.91
N GLY A 70 -0.14 -7.76 2.14
CA GLY A 70 -1.25 -7.71 1.18
C GLY A 70 -2.60 -7.37 1.82
N ILE A 71 -2.96 -7.99 2.95
CA ILE A 71 -4.17 -7.63 3.71
C ILE A 71 -4.13 -6.17 4.13
N SER A 72 -2.98 -5.68 4.59
CA SER A 72 -2.83 -4.30 5.04
C SER A 72 -3.05 -3.26 3.93
N ILE A 73 -2.54 -3.50 2.72
CA ILE A 73 -2.86 -2.71 1.53
C ILE A 73 -4.38 -2.66 1.29
N ALA A 74 -5.03 -3.82 1.27
CA ALA A 74 -6.44 -3.90 0.92
C ALA A 74 -7.35 -3.26 1.99
N GLN A 75 -7.11 -3.51 3.27
CA GLN A 75 -7.85 -2.89 4.37
C GLN A 75 -7.73 -1.37 4.36
N THR A 76 -6.52 -0.83 4.25
CA THR A 76 -6.33 0.62 4.26
C THR A 76 -6.90 1.29 3.00
N THR A 77 -6.84 0.63 1.84
CA THR A 77 -7.52 1.11 0.62
C THR A 77 -9.04 1.12 0.78
N GLU A 78 -9.62 0.03 1.31
CA GLU A 78 -11.07 -0.06 1.52
C GLU A 78 -11.55 0.98 2.55
N GLY A 79 -10.79 1.21 3.63
CA GLY A 79 -11.09 2.24 4.62
C GLY A 79 -11.20 3.66 4.04
N ALA A 80 -10.31 4.05 3.14
CA ALA A 80 -10.41 5.33 2.44
C ALA A 80 -11.62 5.39 1.47
N LEU A 81 -11.93 4.31 0.77
CA LEU A 81 -13.12 4.24 -0.09
C LEU A 81 -14.44 4.37 0.69
N ASN A 82 -14.50 3.98 1.96
CA ASN A 82 -15.60 4.10 2.83
C ASN A 82 -16.04 5.53 3.00
N GLU A 83 -15.07 6.42 3.24
CA GLU A 83 -15.35 7.84 3.43
C GLU A 83 -15.59 8.55 2.09
N ILE A 84 -14.95 8.13 0.99
CA ILE A 84 -15.30 8.60 -0.36
C ILE A 84 -16.77 8.28 -0.63
N ASN A 85 -17.24 7.08 -0.29
CA ASN A 85 -18.64 6.70 -0.42
C ASN A 85 -19.57 7.58 0.43
N ASN A 86 -19.25 7.83 1.71
CA ASN A 86 -20.01 8.76 2.55
C ASN A 86 -20.12 10.16 1.93
N ASN A 87 -19.03 10.71 1.40
CA ASN A 87 -19.04 11.98 0.68
C ASN A 87 -19.94 11.95 -0.55
N LEU A 88 -19.88 10.92 -1.39
CA LEU A 88 -20.76 10.77 -2.55
C LEU A 88 -22.25 10.67 -2.17
N GLN A 89 -22.59 9.96 -1.09
CA GLN A 89 -23.97 9.88 -0.58
C GLN A 89 -24.50 11.26 -0.17
N ARG A 90 -23.70 12.08 0.52
CA ARG A 90 -24.05 13.46 0.84
C ARG A 90 -24.20 14.33 -0.42
N VAL A 91 -23.29 14.23 -1.38
CA VAL A 91 -23.41 14.94 -2.66
C VAL A 91 -24.70 14.58 -3.40
N ARG A 92 -25.09 13.30 -3.44
CA ARG A 92 -26.35 12.86 -4.05
C ARG A 92 -27.57 13.50 -3.39
N GLU A 93 -27.63 13.46 -2.06
CA GLU A 93 -28.68 14.08 -1.27
C GLU A 93 -28.78 15.60 -1.53
N LEU A 94 -27.65 16.30 -1.58
CA LEU A 94 -27.58 17.71 -1.95
C LEU A 94 -28.07 17.96 -3.37
N ALA A 95 -27.76 17.09 -4.33
CA ALA A 95 -28.26 17.20 -5.69
C ALA A 95 -29.78 17.01 -5.76
N VAL A 96 -30.37 16.07 -5.01
CA VAL A 96 -31.84 15.93 -4.88
C VAL A 96 -32.48 17.19 -4.31
N GLN A 97 -31.88 17.80 -3.27
CA GLN A 97 -32.36 19.06 -2.73
C GLN A 97 -32.29 20.21 -3.76
N SER A 98 -31.19 20.30 -4.50
CA SER A 98 -30.94 21.36 -5.49
C SER A 98 -31.94 21.38 -6.66
N ALA A 99 -32.49 20.23 -7.05
CA ALA A 99 -33.37 20.12 -8.21
C ALA A 99 -34.72 20.86 -8.05
N ASN A 100 -35.14 21.17 -6.82
CA ASN A 100 -36.39 21.86 -6.55
C ASN A 100 -36.35 23.34 -7.02
N SER A 101 -37.32 23.77 -7.83
CA SER A 101 -37.36 25.13 -8.41
C SER A 101 -37.73 26.24 -7.41
N THR A 102 -38.20 25.89 -6.21
CA THR A 102 -38.41 26.86 -5.13
C THR A 102 -37.10 27.41 -4.54
N ASN A 103 -35.94 26.79 -4.81
CA ASN A 103 -34.63 27.32 -4.44
C ASN A 103 -34.32 28.62 -5.21
N SER A 104 -33.92 29.66 -4.50
CA SER A 104 -33.33 30.85 -5.13
C SER A 104 -31.92 30.56 -5.63
N GLN A 105 -31.35 31.41 -6.48
CA GLN A 105 -29.98 31.20 -6.95
C GLN A 105 -28.94 31.24 -5.81
N SER A 106 -29.15 31.99 -4.73
CA SER A 106 -28.25 31.96 -3.57
C SER A 106 -28.40 30.67 -2.74
N ASP A 107 -29.59 30.05 -2.71
CA ASP A 107 -29.75 28.69 -2.18
C ASP A 107 -28.95 27.67 -3.00
N LEU A 108 -29.00 27.74 -4.35
CA LEU A 108 -28.18 26.89 -5.20
C LEU A 108 -26.67 27.13 -4.98
N ASP A 109 -26.22 28.38 -4.88
CA ASP A 109 -24.83 28.70 -4.53
C ASP A 109 -24.41 28.11 -3.17
N SER A 110 -25.29 28.18 -2.17
CA SER A 110 -25.06 27.58 -0.85
C SER A 110 -24.94 26.06 -0.91
N ILE A 111 -25.80 25.38 -1.68
CA ILE A 111 -25.70 23.93 -1.91
C ILE A 111 -24.42 23.57 -2.67
N GLN A 112 -24.09 24.32 -3.72
CA GLN A 112 -22.84 24.13 -4.47
C GLN A 112 -21.60 24.32 -3.59
N ALA A 113 -21.61 25.20 -2.59
CA ALA A 113 -20.48 25.35 -1.67
C ALA A 113 -20.18 24.04 -0.90
N GLU A 114 -21.19 23.33 -0.39
CA GLU A 114 -20.94 22.02 0.21
C GLU A 114 -20.55 20.98 -0.85
N ILE A 115 -21.19 20.91 -2.02
CA ILE A 115 -20.81 19.96 -3.07
C ILE A 115 -19.33 20.14 -3.45
N THR A 116 -18.86 21.36 -3.68
CA THR A 116 -17.43 21.64 -3.93
C THR A 116 -16.55 21.16 -2.78
N GLN A 117 -16.87 21.46 -1.52
CA GLN A 117 -16.09 20.97 -0.38
C GLN A 117 -16.05 19.44 -0.30
N ARG A 118 -17.15 18.74 -0.61
CA ARG A 118 -17.22 17.27 -0.64
C ARG A 118 -16.39 16.67 -1.77
N LEU A 119 -16.41 17.25 -2.97
CA LEU A 119 -15.59 16.80 -4.09
C LEU A 119 -14.10 17.08 -3.84
N ASN A 120 -13.76 18.23 -3.26
CA ASN A 120 -12.39 18.54 -2.83
C ASN A 120 -11.92 17.52 -1.78
N GLU A 121 -12.76 17.10 -0.84
CA GLU A 121 -12.39 16.10 0.16
C GLU A 121 -12.15 14.71 -0.46
N ILE A 122 -12.92 14.30 -1.46
CA ILE A 122 -12.66 13.07 -2.24
C ILE A 122 -11.29 13.16 -2.94
N ASP A 123 -11.00 14.26 -3.62
CA ASP A 123 -9.70 14.47 -4.27
C ASP A 123 -8.54 14.50 -3.27
N ARG A 124 -8.72 15.11 -2.10
CA ARG A 124 -7.71 15.13 -1.03
C ARG A 124 -7.41 13.71 -0.53
N VAL A 125 -8.45 12.96 -0.15
CA VAL A 125 -8.31 11.57 0.33
C VAL A 125 -7.64 10.70 -0.74
N SER A 126 -8.00 10.87 -2.01
CA SER A 126 -7.40 10.19 -3.15
C SER A 126 -5.90 10.46 -3.29
N GLY A 127 -5.50 11.73 -3.25
CA GLY A 127 -4.11 12.14 -3.40
C GLY A 127 -3.23 11.75 -2.22
N GLN A 128 -3.77 11.75 -1.01
CA GLN A 128 -3.00 11.64 0.23
C GLN A 128 -3.02 10.26 0.89
N THR A 129 -3.96 9.37 0.59
CA THR A 129 -3.99 8.03 1.21
C THR A 129 -2.82 7.19 0.71
N GLN A 130 -2.02 6.67 1.64
CA GLN A 130 -0.89 5.83 1.30
C GLN A 130 -0.68 4.69 2.28
N PHE A 131 -0.01 3.65 1.82
CA PHE A 131 0.37 2.49 2.62
C PHE A 131 1.79 2.06 2.28
N ASN A 132 2.73 2.19 3.23
CA ASN A 132 4.17 2.05 2.99
C ASN A 132 4.67 2.81 1.75
N GLY A 133 4.21 4.05 1.55
CA GLY A 133 4.54 4.88 0.40
C GLY A 133 3.76 4.57 -0.89
N VAL A 134 3.01 3.46 -1.00
CA VAL A 134 2.11 3.20 -2.13
C VAL A 134 0.91 4.13 -2.04
N LYS A 135 0.69 5.00 -3.03
CA LYS A 135 -0.45 5.91 -3.09
C LYS A 135 -1.68 5.20 -3.66
N VAL A 136 -2.39 4.46 -2.81
CA VAL A 136 -3.32 3.40 -3.21
C VAL A 136 -4.55 3.85 -4.01
N LEU A 137 -4.98 5.11 -3.94
CA LEU A 137 -6.07 5.66 -4.74
C LEU A 137 -5.62 6.62 -5.85
N ALA A 138 -4.33 6.96 -5.93
CA ALA A 138 -3.84 8.02 -6.81
C ALA A 138 -3.54 7.57 -8.26
N GLN A 139 -3.31 6.27 -8.49
CA GLN A 139 -2.92 5.73 -9.79
C GLN A 139 -3.41 4.30 -10.02
N ASP A 140 -3.59 3.89 -11.28
CA ASP A 140 -3.78 2.48 -11.63
C ASP A 140 -2.46 1.72 -11.42
N ASN A 141 -2.48 0.65 -10.63
CA ASN A 141 -1.27 -0.08 -10.26
C ASN A 141 -1.62 -1.53 -9.89
N THR A 142 -0.87 -2.50 -10.39
CA THR A 142 -1.02 -3.89 -9.96
C THR A 142 0.14 -4.26 -9.05
N LEU A 143 -0.13 -4.49 -7.77
CA LEU A 143 0.85 -5.04 -6.84
C LEU A 143 0.85 -6.56 -6.92
N THR A 144 2.02 -7.19 -6.83
CA THR A 144 2.15 -8.65 -6.71
C THR A 144 2.60 -9.01 -5.30
N ILE A 145 1.80 -9.82 -4.60
CA ILE A 145 2.08 -10.30 -3.26
C ILE A 145 2.59 -11.74 -3.37
N GLN A 146 3.79 -12.00 -2.86
CA GLN A 146 4.50 -13.22 -2.81
C GLN A 146 3.90 -14.13 -1.78
N VAL A 147 3.10 -15.09 -2.10
CA VAL A 147 2.39 -16.01 -1.29
C VAL A 147 2.93 -17.41 -1.28
N GLY A 148 3.89 -17.74 -2.08
CA GLY A 148 4.59 -18.91 -2.17
C GLY A 148 6.04 -18.90 -1.92
N ALA A 149 6.72 -20.01 -1.94
CA ALA A 149 8.09 -20.21 -1.72
C ALA A 149 8.97 -20.14 -2.94
N ASN A 150 8.44 -20.13 -4.13
CA ASN A 150 9.07 -20.20 -5.39
C ASN A 150 8.77 -19.01 -6.28
N ASP A 151 9.54 -18.80 -7.31
CA ASP A 151 9.41 -17.76 -8.25
C ASP A 151 8.04 -17.72 -8.86
N GLY A 152 7.39 -16.61 -8.95
CA GLY A 152 6.16 -16.39 -9.54
C GLY A 152 4.91 -16.76 -8.86
N GLU A 153 4.98 -17.25 -7.67
CA GLU A 153 3.93 -17.69 -6.81
C GLU A 153 3.29 -16.52 -6.10
N THR A 154 2.49 -15.76 -6.84
CA THR A 154 1.95 -14.47 -6.43
C THR A 154 0.44 -14.36 -6.58
N ILE A 155 -0.17 -13.48 -5.77
CA ILE A 155 -1.54 -12.98 -5.94
C ILE A 155 -1.47 -11.49 -6.27
N ASP A 156 -2.23 -11.06 -7.29
CA ASP A 156 -2.30 -9.65 -7.67
C ASP A 156 -3.31 -8.87 -6.80
N ILE A 157 -2.96 -7.64 -6.44
CA ILE A 157 -3.92 -6.61 -5.99
C ILE A 157 -3.99 -5.54 -7.08
N ASP A 158 -5.17 -5.33 -7.65
CA ASP A 158 -5.39 -4.31 -8.68
C ASP A 158 -5.94 -3.01 -8.06
N LEU A 159 -5.07 -2.04 -7.86
CA LEU A 159 -5.40 -0.70 -7.39
C LEU A 159 -5.81 0.18 -8.59
N LYS A 160 -6.79 1.06 -8.39
CA LYS A 160 -7.35 1.94 -9.42
C LYS A 160 -7.28 3.41 -8.99
N GLN A 161 -7.03 4.31 -9.93
CA GLN A 161 -7.16 5.74 -9.69
C GLN A 161 -8.63 6.11 -9.45
N ILE A 162 -8.99 6.47 -8.22
CA ILE A 162 -10.31 7.00 -7.88
C ILE A 162 -10.15 8.45 -7.45
N ASN A 163 -10.69 9.39 -8.21
CA ASN A 163 -10.77 10.82 -7.86
C ASN A 163 -11.99 11.43 -8.57
N SER A 164 -12.30 12.70 -8.32
CA SER A 164 -13.48 13.35 -8.90
C SER A 164 -13.49 13.34 -10.43
N GLN A 165 -12.32 13.37 -11.08
CA GLN A 165 -12.20 13.23 -12.53
C GLN A 165 -12.54 11.80 -13.01
N THR A 166 -11.94 10.74 -12.46
CA THR A 166 -12.25 9.35 -12.87
C THR A 166 -13.66 8.93 -12.50
N LEU A 167 -14.24 9.48 -11.44
CA LEU A 167 -15.65 9.33 -11.07
C LEU A 167 -16.61 10.14 -11.97
N GLY A 168 -16.10 11.03 -12.82
CA GLY A 168 -16.91 11.84 -13.74
C GLY A 168 -17.70 12.98 -13.08
N LEU A 169 -17.24 13.49 -11.93
CA LEU A 169 -17.90 14.54 -11.12
C LEU A 169 -17.07 15.83 -10.99
N ASP A 170 -15.91 15.94 -11.65
CA ASP A 170 -14.99 17.07 -11.51
C ASP A 170 -15.63 18.45 -11.77
N THR A 171 -16.59 18.50 -12.68
CA THR A 171 -17.37 19.66 -13.10
C THR A 171 -18.82 19.61 -12.62
N LEU A 172 -19.16 18.75 -11.65
CA LEU A 172 -20.52 18.66 -11.09
C LEU A 172 -20.94 20.01 -10.51
N ASN A 173 -21.99 20.59 -11.06
CA ASN A 173 -22.44 21.93 -10.72
C ASN A 173 -23.96 22.04 -10.76
N VAL A 174 -24.57 22.48 -9.65
CA VAL A 174 -26.02 22.67 -9.50
C VAL A 174 -26.44 24.14 -9.61
N GLN A 175 -25.53 25.08 -9.81
CA GLN A 175 -25.83 26.51 -9.91
C GLN A 175 -26.55 26.83 -11.22
N GLN A 176 -27.26 27.96 -11.22
CA GLN A 176 -27.82 28.58 -12.42
C GLN A 176 -27.11 29.91 -12.69
N LYS A 177 -27.07 30.32 -13.96
CA LYS A 177 -26.38 31.55 -14.35
C LYS A 177 -27.17 32.80 -13.92
N TYR A 178 -26.51 33.75 -13.28
CA TYR A 178 -27.08 35.08 -13.05
C TYR A 178 -27.16 35.86 -14.36
N LYS A 179 -28.17 36.74 -14.50
CA LYS A 179 -28.13 37.77 -15.55
C LYS A 179 -27.05 38.78 -15.18
N VAL A 180 -26.11 39.05 -16.06
CA VAL A 180 -24.95 39.91 -15.81
C VAL A 180 -25.20 41.29 -16.42
N SER A 181 -24.99 42.35 -15.64
CA SER A 181 -25.05 43.73 -16.12
C SER A 181 -23.99 44.62 -15.46
N ASP A 182 -23.76 45.77 -16.05
CA ASP A 182 -22.66 46.68 -15.71
C ASP A 182 -23.13 48.15 -15.71
N THR A 183 -22.44 48.97 -14.93
CA THR A 183 -22.51 50.44 -15.01
C THR A 183 -21.10 51.02 -15.00
N ALA A 184 -20.86 52.08 -15.76
CA ALA A 184 -19.51 52.66 -15.90
C ALA A 184 -18.99 53.25 -14.58
N ALA A 185 -17.71 53.04 -14.28
CA ALA A 185 -17.00 53.67 -13.17
C ALA A 185 -16.07 54.81 -13.66
N ALA A 204 -8.09 50.85 -16.58
CA ALA A 204 -6.96 50.01 -16.21
C ALA A 204 -6.48 49.15 -17.39
N ALA A 205 -5.18 48.83 -17.44
CA ALA A 205 -4.52 48.16 -18.57
C ALA A 205 -4.45 46.63 -18.42
N LEU A 206 -4.36 45.93 -19.57
CA LEU A 206 -4.30 44.46 -19.68
C LEU A 206 -3.20 43.96 -20.62
N THR A 207 -2.44 44.86 -21.26
CA THR A 207 -1.56 44.56 -22.41
C THR A 207 -0.46 43.54 -22.08
N ALA A 208 -0.04 43.41 -20.82
CA ALA A 208 0.96 42.41 -20.41
C ALA A 208 0.49 40.94 -20.61
N ALA A 209 -0.82 40.70 -20.71
CA ALA A 209 -1.41 39.41 -21.07
C ALA A 209 -1.76 39.26 -22.56
N GLY A 210 -1.50 40.27 -23.41
CA GLY A 210 -1.83 40.32 -24.75
C GLY A 210 -3.17 40.75 -25.16
N VAL A 211 -4.05 41.11 -24.21
CA VAL A 211 -5.40 41.63 -24.51
C VAL A 211 -5.29 43.00 -25.17
N THR A 212 -5.88 43.15 -26.35
CA THR A 212 -5.65 44.29 -27.26
C THR A 212 -6.81 45.30 -27.33
N GLY A 213 -8.02 44.91 -26.95
CA GLY A 213 -9.22 45.77 -26.99
C GLY A 213 -9.15 47.00 -26.08
N THR A 214 -9.97 48.01 -26.37
CA THR A 214 -10.15 49.19 -25.50
C THR A 214 -10.86 48.83 -24.20
N ALA A 215 -10.37 49.33 -23.06
CA ALA A 215 -10.76 48.91 -21.72
C ALA A 215 -11.30 50.07 -20.86
N SER A 216 -12.23 49.76 -19.94
CA SER A 216 -12.69 50.70 -18.90
C SER A 216 -13.10 49.97 -17.63
N VAL A 217 -13.08 50.65 -16.48
CA VAL A 217 -13.59 50.09 -15.22
C VAL A 217 -15.12 50.20 -15.18
N VAL A 218 -15.77 49.16 -14.67
CA VAL A 218 -17.22 49.09 -14.47
C VAL A 218 -17.53 48.54 -13.07
N LYS A 219 -18.76 48.80 -12.61
CA LYS A 219 -19.33 48.18 -11.41
C LYS A 219 -20.32 47.10 -11.84
N MET A 220 -20.04 45.86 -11.45
CA MET A 220 -20.85 44.69 -11.78
C MET A 220 -22.14 44.64 -10.95
N SER A 221 -23.22 44.17 -11.57
CA SER A 221 -24.40 43.70 -10.83
C SER A 221 -24.99 42.42 -11.46
N TYR A 222 -25.52 41.55 -10.61
CA TYR A 222 -26.04 40.23 -10.95
C TYR A 222 -27.53 40.16 -10.59
N THR A 223 -28.39 39.74 -11.53
CA THR A 223 -29.83 39.60 -11.29
C THR A 223 -30.25 38.13 -11.30
N ASP A 224 -31.00 37.66 -10.30
CA ASP A 224 -31.48 36.28 -10.22
C ASP A 224 -32.79 36.03 -11.01
N ASN A 225 -33.29 34.79 -11.00
CA ASN A 225 -34.52 34.39 -11.71
C ASN A 225 -35.76 35.21 -11.29
N ASN A 226 -35.80 35.69 -10.04
CA ASN A 226 -36.94 36.42 -9.50
C ASN A 226 -36.78 37.95 -9.64
N GLY A 227 -35.66 38.44 -10.17
CA GLY A 227 -35.36 39.77 -10.33
C GLY A 227 -34.62 40.52 -9.30
N LYS A 228 -34.21 39.82 -8.22
CA LYS A 228 -33.38 40.39 -7.16
C LYS A 228 -31.99 40.67 -7.71
N THR A 229 -31.45 41.84 -7.40
CA THR A 229 -30.20 42.36 -7.77
C THR A 229 -29.15 42.21 -6.70
N ILE A 230 -27.92 41.82 -7.04
CA ILE A 230 -26.78 41.72 -6.14
C ILE A 230 -25.61 42.50 -6.75
N ASP A 231 -24.92 43.31 -5.96
CA ASP A 231 -23.76 44.05 -6.27
C ASP A 231 -22.56 43.15 -6.42
N GLY A 232 -21.83 43.19 -7.48
CA GLY A 232 -20.71 42.43 -7.74
C GLY A 232 -19.37 42.97 -7.50
N GLY A 233 -19.28 44.30 -7.39
CA GLY A 233 -18.02 45.03 -7.19
C GLY A 233 -17.35 45.44 -8.51
N LEU A 234 -16.07 45.76 -8.47
CA LEU A 234 -15.35 46.30 -9.63
C LEU A 234 -14.89 45.20 -10.61
N ALA A 235 -14.93 45.54 -11.89
CA ALA A 235 -14.30 44.78 -12.96
C ALA A 235 -13.74 45.71 -14.03
N VAL A 236 -12.81 45.21 -14.84
CA VAL A 236 -12.36 45.86 -16.06
C VAL A 236 -13.04 45.17 -17.24
N LYS A 237 -13.75 45.93 -18.07
CA LYS A 237 -14.49 45.43 -19.24
C LYS A 237 -13.71 45.75 -20.52
N VAL A 238 -13.58 44.78 -21.42
CA VAL A 238 -12.85 44.92 -22.71
C VAL A 238 -13.67 44.55 -23.94
N GLY A 239 -14.96 44.24 -23.77
CA GLY A 239 -15.86 43.73 -24.80
C GLY A 239 -16.94 42.87 -24.16
N ASP A 240 -17.02 41.60 -24.55
CA ASP A 240 -17.82 40.60 -23.85
C ASP A 240 -17.15 40.11 -22.54
N ASP A 241 -15.83 40.23 -22.41
CA ASP A 241 -15.09 39.86 -21.19
C ASP A 241 -15.23 40.91 -20.06
N TYR A 242 -15.35 40.40 -18.83
CA TYR A 242 -15.10 41.14 -17.59
C TYR A 242 -13.96 40.49 -16.81
N TYR A 243 -12.98 41.28 -16.37
CA TYR A 243 -11.90 40.82 -15.50
C TYR A 243 -12.10 41.38 -14.09
N SER A 244 -12.10 40.51 -13.09
CA SER A 244 -12.31 40.90 -11.71
C SER A 244 -11.21 41.86 -11.23
N ALA A 245 -11.59 42.89 -10.49
CA ALA A 245 -10.67 43.96 -10.11
C ALA A 245 -10.92 44.46 -8.68
N THR A 246 -9.88 45.05 -8.09
CA THR A 246 -9.86 45.57 -6.71
C THR A 246 -9.23 46.95 -6.68
N GLN A 247 -9.76 47.86 -5.86
CA GLN A 247 -9.18 49.19 -5.61
C GLN A 247 -8.36 49.17 -4.32
N ASN A 248 -7.11 49.62 -4.40
CA ASN A 248 -6.13 49.69 -3.38
C ASN A 248 -6.14 51.01 -2.64
N LYS A 249 -5.40 51.15 -1.59
CA LYS A 249 -5.25 52.32 -0.81
C LYS A 249 -4.85 53.52 -1.63
N ASP A 250 -4.02 53.35 -2.60
CA ASP A 250 -3.53 54.31 -3.51
C ASP A 250 -4.60 54.94 -4.36
N GLY A 251 -5.75 54.35 -4.48
CA GLY A 251 -6.77 54.67 -5.34
C GLY A 251 -6.79 54.14 -6.71
N SER A 252 -5.81 53.39 -7.09
CA SER A 252 -5.65 52.70 -8.30
C SER A 252 -6.44 51.41 -8.33
N ILE A 253 -6.84 50.98 -9.52
CA ILE A 253 -7.70 49.80 -9.72
C ILE A 253 -6.90 48.76 -10.50
N SER A 254 -6.70 47.59 -9.90
CA SER A 254 -5.89 46.51 -10.47
C SER A 254 -6.72 45.24 -10.70
N ILE A 255 -6.51 44.59 -11.83
CA ILE A 255 -7.09 43.27 -12.13
C ILE A 255 -6.47 42.23 -11.18
N ASN A 256 -7.31 41.38 -10.58
CA ASN A 256 -6.84 40.27 -9.75
C ASN A 256 -6.17 39.19 -10.60
N THR A 257 -5.21 38.48 -10.00
CA THR A 257 -4.43 37.45 -10.68
C THR A 257 -4.21 36.22 -9.81
N THR A 258 -3.79 35.12 -10.42
CA THR A 258 -3.27 33.93 -9.73
C THR A 258 -1.85 33.60 -10.18
N LYS A 259 -1.09 33.00 -9.26
CA LYS A 259 0.27 32.48 -9.49
C LYS A 259 0.23 30.97 -9.58
N TYR A 260 0.93 30.40 -10.55
CA TYR A 260 1.03 28.94 -10.73
C TYR A 260 2.42 28.55 -11.26
N THR A 261 2.84 27.32 -11.00
CA THR A 261 4.03 26.76 -11.68
C THR A 261 3.58 26.12 -12.98
N ALA A 262 3.98 26.70 -14.12
CA ALA A 262 3.60 26.24 -15.45
C ALA A 262 4.30 24.92 -15.85
N ASP A 263 3.96 24.37 -17.02
CA ASP A 263 4.68 23.24 -17.63
C ASP A 263 6.18 23.55 -17.89
N ASP A 264 6.52 24.84 -18.05
CA ASP A 264 7.89 25.35 -18.10
C ASP A 264 8.70 25.10 -16.80
N GLY A 265 8.04 24.80 -15.68
CA GLY A 265 8.63 24.68 -14.34
C GLY A 265 8.91 26.01 -13.64
N THR A 266 8.76 27.13 -14.34
CA THR A 266 8.81 28.49 -13.76
C THR A 266 7.47 28.89 -13.17
N SER A 267 7.47 29.75 -12.15
CA SER A 267 6.26 30.47 -11.74
C SER A 267 5.78 31.44 -12.84
N LYS A 268 4.47 31.52 -13.04
CA LYS A 268 3.80 32.31 -14.10
C LYS A 268 2.49 32.89 -13.55
N THR A 269 1.92 33.89 -14.23
CA THR A 269 0.73 34.64 -13.78
C THR A 269 -0.44 34.53 -14.79
N ALA A 270 -1.68 34.49 -14.29
CA ALA A 270 -2.89 34.62 -15.11
C ALA A 270 -3.86 35.67 -14.55
N LEU A 271 -4.59 36.38 -15.43
CA LEU A 271 -5.64 37.34 -15.06
C LEU A 271 -6.96 36.62 -14.69
N ASN A 272 -7.65 37.08 -13.64
CA ASN A 272 -8.90 36.49 -13.15
C ASN A 272 -10.12 37.05 -13.90
N LYS A 273 -10.56 36.37 -14.96
CA LYS A 273 -11.83 36.66 -15.64
C LYS A 273 -13.03 36.29 -14.76
N LEU A 274 -14.19 36.89 -14.99
CA LEU A 274 -15.45 36.53 -14.36
C LEU A 274 -16.29 35.64 -15.30
N GLY A 275 -16.70 34.47 -14.82
CA GLY A 275 -17.41 33.48 -15.63
C GLY A 275 -17.88 32.28 -14.80
N GLY A 276 -17.64 31.07 -15.31
CA GLY A 276 -18.12 29.82 -14.70
C GLY A 276 -19.64 29.63 -14.83
N ALA A 277 -20.17 28.61 -14.16
CA ALA A 277 -21.59 28.23 -14.25
C ALA A 277 -22.55 29.30 -13.71
N ASP A 278 -22.15 30.09 -12.71
CA ASP A 278 -22.97 31.19 -12.18
C ASP A 278 -22.77 32.54 -12.89
N GLY A 279 -21.71 32.71 -13.69
CA GLY A 279 -21.38 33.97 -14.37
C GLY A 279 -20.66 35.00 -13.49
N LYS A 280 -20.26 34.65 -12.26
CA LYS A 280 -19.58 35.54 -11.29
C LYS A 280 -18.39 34.89 -10.60
N THR A 281 -18.09 33.63 -10.92
CA THR A 281 -16.92 32.91 -10.43
C THR A 281 -15.65 33.47 -11.08
N GLU A 282 -14.57 33.66 -10.31
CA GLU A 282 -13.27 34.00 -10.88
C GLU A 282 -12.62 32.77 -11.53
N VAL A 283 -12.35 32.86 -12.82
CA VAL A 283 -11.77 31.80 -13.65
C VAL A 283 -10.54 32.30 -14.39
N VAL A 284 -9.59 31.40 -14.65
CA VAL A 284 -8.33 31.70 -15.33
C VAL A 284 -8.09 30.78 -16.51
N SER A 285 -7.55 31.32 -17.59
CA SER A 285 -7.15 30.57 -18.77
C SER A 285 -5.68 30.19 -18.68
N ILE A 286 -5.38 28.91 -18.44
CA ILE A 286 -4.01 28.36 -18.36
C ILE A 286 -3.85 27.30 -19.45
N GLY A 287 -2.84 27.44 -20.30
CA GLY A 287 -2.86 26.73 -21.58
C GLY A 287 -4.10 27.16 -22.39
N GLY A 288 -4.87 26.22 -22.90
CA GLY A 288 -6.10 26.33 -23.51
C GLY A 288 -7.31 25.96 -22.76
N LYS A 289 -7.16 25.85 -21.43
CA LYS A 289 -8.16 25.32 -20.49
C LYS A 289 -8.55 26.35 -19.43
N THR A 290 -9.79 26.30 -18.97
CA THR A 290 -10.36 27.26 -18.01
C THR A 290 -10.48 26.61 -16.63
N TYR A 291 -9.85 27.21 -15.62
CA TYR A 291 -9.81 26.69 -14.26
C TYR A 291 -10.42 27.71 -13.29
N ALA A 292 -11.02 27.28 -12.19
CA ALA A 292 -11.36 28.18 -11.11
C ALA A 292 -10.09 28.76 -10.48
N ALA A 293 -10.06 30.06 -10.22
CA ALA A 293 -8.89 30.73 -9.64
C ALA A 293 -8.47 30.12 -8.29
N SER A 294 -9.45 29.74 -7.45
CA SER A 294 -9.21 29.08 -6.17
C SER A 294 -8.55 27.70 -6.29
N LYS A 295 -8.74 26.97 -7.40
CA LYS A 295 -8.02 25.71 -7.70
C LYS A 295 -6.65 25.94 -8.35
N ALA A 296 -6.53 26.93 -9.23
CA ALA A 296 -5.28 27.19 -9.95
C ALA A 296 -4.19 27.86 -9.09
N GLU A 297 -4.55 28.64 -8.07
CA GLU A 297 -3.58 29.36 -7.23
C GLU A 297 -2.62 28.41 -6.52
N GLY A 298 -1.32 28.57 -6.77
CA GLY A 298 -0.25 27.72 -6.22
C GLY A 298 -0.16 26.33 -6.82
N HIS A 299 -0.96 25.98 -7.83
CA HIS A 299 -0.91 24.66 -8.45
C HIS A 299 0.37 24.47 -9.29
N ASN A 300 0.81 23.21 -9.41
CA ASN A 300 2.01 22.83 -10.15
C ASN A 300 1.64 22.01 -11.41
N PHE A 301 1.47 22.69 -12.54
CA PHE A 301 1.10 22.07 -13.81
C PHE A 301 2.24 21.23 -14.42
N LYS A 302 3.48 21.32 -13.93
CA LYS A 302 4.56 20.40 -14.32
C LYS A 302 4.50 19.08 -13.54
N ALA A 303 4.36 19.14 -12.21
CA ALA A 303 4.26 17.94 -11.37
C ALA A 303 2.91 17.21 -11.48
N GLN A 304 1.83 17.98 -11.72
CA GLN A 304 0.45 17.50 -11.82
C GLN A 304 -0.29 18.26 -12.94
N PRO A 305 -0.11 17.89 -14.22
CA PRO A 305 -0.78 18.56 -15.34
C PRO A 305 -2.30 18.32 -15.38
N ASP A 306 -2.78 17.24 -14.78
CA ASP A 306 -4.21 16.96 -14.60
C ASP A 306 -4.80 17.77 -13.44
N LEU A 307 -5.65 18.75 -13.77
CA LEU A 307 -6.44 19.54 -12.83
C LEU A 307 -7.88 19.67 -13.34
N ALA A 308 -8.86 19.65 -12.45
CA ALA A 308 -10.27 19.87 -12.81
C ALA A 308 -10.48 21.26 -13.42
N GLU A 309 -10.98 21.33 -14.66
CA GLU A 309 -11.47 22.60 -15.23
C GLU A 309 -12.68 23.16 -14.45
N ALA A 310 -12.93 24.46 -14.58
CA ALA A 310 -14.15 25.07 -14.08
C ALA A 310 -15.37 24.55 -14.84
N ALA A 311 -16.49 24.35 -14.15
CA ALA A 311 -17.78 24.11 -14.79
C ALA A 311 -18.25 25.38 -15.53
N ALA A 312 -18.63 25.26 -16.80
CA ALA A 312 -19.13 26.38 -17.60
C ALA A 312 -20.65 26.59 -17.49
N THR A 313 -21.38 25.55 -17.06
CA THR A 313 -22.85 25.47 -17.08
C THR A 313 -23.36 24.41 -16.09
N THR A 314 -24.65 24.42 -15.76
CA THR A 314 -25.30 23.43 -14.89
C THR A 314 -25.13 22.01 -15.44
N THR A 315 -24.79 21.05 -14.59
CA THR A 315 -24.67 19.64 -15.00
C THR A 315 -26.02 19.07 -15.44
N GLU A 316 -26.04 18.33 -16.54
CA GLU A 316 -27.11 17.57 -17.06
C GLU A 316 -27.21 16.22 -16.39
N ASN A 317 -28.33 15.78 -15.94
CA ASN A 317 -28.56 14.55 -15.30
C ASN A 317 -27.59 14.31 -14.17
N PRO A 318 -27.48 15.20 -13.16
CA PRO A 318 -26.47 15.03 -12.12
C PRO A 318 -26.66 13.75 -11.31
N LEU A 319 -27.91 13.36 -11.03
CA LEU A 319 -28.24 12.17 -10.23
C LEU A 319 -27.81 10.85 -10.90
N GLN A 320 -27.94 10.73 -12.22
CA GLN A 320 -27.41 9.60 -12.97
C GLN A 320 -25.88 9.49 -12.85
N LYS A 321 -25.19 10.62 -13.02
CA LYS A 321 -23.73 10.68 -12.92
C LYS A 321 -23.23 10.33 -11.53
N ILE A 322 -23.90 10.82 -10.49
CA ILE A 322 -23.52 10.51 -9.10
C ILE A 322 -23.78 9.03 -8.77
N ASP A 323 -24.87 8.43 -9.27
CA ASP A 323 -25.12 6.98 -9.14
C ASP A 323 -24.03 6.13 -9.80
N ALA A 324 -23.58 6.50 -11.00
CA ALA A 324 -22.46 5.85 -11.67
C ALA A 324 -21.14 5.99 -10.88
N ALA A 325 -20.89 7.15 -10.25
CA ALA A 325 -19.75 7.32 -9.35
C ALA A 325 -19.84 6.38 -8.13
N LEU A 326 -21.01 6.27 -7.49
CA LEU A 326 -21.27 5.32 -6.41
C LEU A 326 -21.06 3.86 -6.86
N ALA A 327 -21.45 3.51 -8.08
CA ALA A 327 -21.26 2.24 -8.69
C ALA A 327 -19.81 1.88 -8.83
N GLN A 328 -18.98 2.81 -9.33
CA GLN A 328 -17.53 2.59 -9.48
C GLN A 328 -16.85 2.29 -8.15
N VAL A 329 -17.18 3.05 -7.09
CA VAL A 329 -16.64 2.82 -5.75
C VAL A 329 -17.07 1.46 -5.21
N ASP A 330 -18.31 1.05 -5.43
CA ASP A 330 -18.85 -0.20 -5.08
C ASP A 330 -18.09 -1.34 -5.72
N THR A 331 -17.83 -1.24 -7.03
CA THR A 331 -17.08 -2.26 -7.77
C THR A 331 -15.69 -2.46 -7.18
N LEU A 332 -14.94 -1.38 -6.96
CA LEU A 332 -13.62 -1.45 -6.36
C LEU A 332 -13.65 -2.03 -4.94
N ARG A 333 -14.61 -1.63 -4.09
CA ARG A 333 -14.77 -2.25 -2.76
C ARG A 333 -15.03 -3.75 -2.85
N SER A 334 -15.87 -4.19 -3.80
CA SER A 334 -16.13 -5.62 -3.98
C SER A 334 -14.87 -6.38 -4.44
N ASP A 335 -14.07 -5.84 -5.36
CA ASP A 335 -12.79 -6.45 -5.76
C ASP A 335 -11.79 -6.53 -4.60
N LEU A 336 -11.66 -5.47 -3.78
CA LEU A 336 -10.79 -5.50 -2.61
C LEU A 336 -11.28 -6.49 -1.54
N ALA A 337 -12.66 -6.73 -1.42
CA ALA A 337 -13.19 -7.71 -0.46
C ALA A 337 -12.84 -9.13 -0.90
N ALA A 338 -12.93 -9.32 -2.27
CA ALA A 338 -12.61 -10.60 -2.86
C ALA A 338 -11.14 -11.01 -2.65
N VAL A 339 -10.17 -10.11 -2.85
CA VAL A 339 -8.76 -10.43 -2.59
C VAL A 339 -8.46 -10.56 -1.10
N GLN A 340 -9.13 -9.83 -0.20
CA GLN A 340 -8.96 -10.03 1.24
C GLN A 340 -9.42 -11.42 1.68
N ASN A 341 -10.58 -11.88 1.19
CA ASN A 341 -11.02 -13.26 1.41
C ASN A 341 -9.99 -14.28 0.86
N ARG A 342 -9.44 -14.05 -0.33
CA ARG A 342 -8.37 -14.89 -0.89
C ARG A 342 -7.10 -14.91 -0.02
N PHE A 343 -6.61 -13.76 0.46
CA PHE A 343 -5.43 -13.73 1.35
C PHE A 343 -5.68 -14.45 2.69
N ASN A 344 -6.87 -14.34 3.28
CA ASN A 344 -7.22 -15.09 4.49
C ASN A 344 -7.18 -16.60 4.27
N SER A 345 -7.72 -17.06 3.13
CA SER A 345 -7.64 -18.47 2.73
C SER A 345 -6.20 -18.92 2.52
N ALA A 346 -5.39 -18.15 1.81
CA ALA A 346 -3.97 -18.43 1.58
C ALA A 346 -3.17 -18.52 2.90
N ILE A 347 -3.37 -17.59 3.83
CA ILE A 347 -2.74 -17.60 5.15
C ILE A 347 -3.15 -18.83 5.96
N THR A 348 -4.42 -19.23 5.93
CA THR A 348 -4.92 -20.40 6.53
C THR A 348 -4.20 -21.63 6.03
N ASN A 349 -4.12 -21.79 4.75
CA ASN A 349 -3.45 -22.85 4.09
C ASN A 349 -1.98 -22.89 4.43
N LEU A 350 -1.32 -21.78 4.38
CA LEU A 350 0.05 -21.59 4.69
C LEU A 350 0.36 -22.10 6.08
N GLY A 351 -0.45 -21.76 7.04
CA GLY A 351 -0.32 -22.21 8.34
C GLY A 351 -0.34 -23.69 8.52
N ASN A 352 -1.27 -24.35 7.91
CA ASN A 352 -1.41 -25.76 7.86
C ASN A 352 -0.22 -26.42 7.20
N THR A 353 0.18 -25.95 6.06
CA THR A 353 1.28 -26.40 5.30
C THR A 353 2.56 -26.38 6.09
N VAL A 354 2.86 -25.30 6.74
CA VAL A 354 4.00 -25.10 7.55
C VAL A 354 4.12 -26.19 8.60
N ASN A 355 3.02 -26.37 9.33
CA ASN A 355 3.01 -27.41 10.37
C ASN A 355 3.23 -28.79 9.77
N ASN A 356 2.60 -29.09 8.63
CA ASN A 356 2.76 -30.40 8.03
C ASN A 356 4.20 -30.64 7.58
N LEU A 357 4.82 -29.63 6.96
CA LEU A 357 6.22 -29.77 6.55
C LEU A 357 7.17 -29.80 7.74
N THR A 358 6.80 -29.10 8.83
CA THR A 358 7.61 -29.16 10.04
C THR A 358 7.58 -30.55 10.67
N SER A 359 6.41 -31.19 10.67
CA SER A 359 6.33 -32.57 11.15
C SER A 359 7.12 -33.51 10.25
N ALA A 360 7.01 -33.32 8.93
CA ALA A 360 7.74 -34.18 8.00
C ALA A 360 9.25 -34.06 8.20
N ARG A 361 9.75 -32.84 8.34
CA ARG A 361 11.18 -32.65 8.60
C ARG A 361 11.58 -33.31 9.91
N SER A 362 10.78 -33.09 10.96
CA SER A 362 11.10 -33.62 12.27
C SER A 362 11.26 -35.14 12.22
N ARG A 363 10.37 -35.82 11.50
CA ARG A 363 10.45 -37.28 11.42
C ARG A 363 11.76 -37.74 10.79
N ILE A 364 12.44 -36.86 10.04
CA ILE A 364 13.68 -37.25 9.38
C ILE A 364 14.89 -36.98 10.27
N GLU A 365 14.97 -35.78 10.85
CA GLU A 365 16.22 -35.31 11.45
C GLU A 365 16.25 -35.32 12.97
N ASP A 366 15.09 -35.22 13.62
CA ASP A 366 15.07 -35.14 15.08
C ASP A 366 15.44 -36.46 15.73
N SER A 367 16.19 -36.45 16.78
CA SER A 367 16.62 -37.55 17.55
C SER A 367 15.57 -37.99 18.55
N ASP A 368 15.41 -39.25 18.80
CA ASP A 368 14.56 -39.88 19.75
C ASP A 368 15.27 -40.03 21.08
N TYR A 369 14.98 -39.27 22.09
CA TYR A 369 15.66 -39.22 23.33
C TYR A 369 15.58 -40.52 24.08
N ALA A 370 14.46 -41.17 24.08
CA ALA A 370 14.24 -42.45 24.65
C ALA A 370 15.20 -43.47 24.10
N THR A 371 15.44 -43.45 22.82
CA THR A 371 16.35 -44.27 22.11
C THR A 371 17.79 -43.97 22.47
N GLU A 372 18.18 -42.73 22.40
CA GLU A 372 19.50 -42.25 22.57
C GLU A 372 19.99 -42.33 23.99
N VAL A 373 19.20 -42.01 24.96
CA VAL A 373 19.44 -42.20 26.34
C VAL A 373 19.77 -43.65 26.62
N SER A 374 19.02 -44.56 26.07
CA SER A 374 19.19 -45.97 26.14
C SER A 374 20.49 -46.40 25.51
N ASN A 375 20.81 -45.89 24.31
CA ASN A 375 22.07 -46.17 23.60
C ASN A 375 23.30 -45.69 24.38
N MET A 376 23.24 -44.49 24.98
CA MET A 376 24.30 -43.94 25.81
C MET A 376 24.60 -44.86 27.00
N SER A 377 23.59 -45.23 27.79
CA SER A 377 23.81 -46.06 28.99
C SER A 377 24.30 -47.46 28.66
N ARG A 378 23.82 -48.11 27.58
CA ARG A 378 24.37 -49.36 27.08
C ARG A 378 25.84 -49.24 26.68
N ALA A 379 26.21 -48.19 25.95
CA ALA A 379 27.59 -47.95 25.57
C ALA A 379 28.50 -47.63 26.76
N GLN A 380 28.03 -46.89 27.77
CA GLN A 380 28.80 -46.65 29.00
C GLN A 380 29.13 -47.96 29.72
N ILE A 381 28.16 -48.85 29.90
CA ILE A 381 28.40 -50.17 30.51
C ILE A 381 29.43 -50.97 29.71
N LEU A 382 29.32 -51.03 28.39
CA LEU A 382 30.28 -51.73 27.53
C LEU A 382 31.69 -51.14 27.62
N GLN A 383 31.84 -49.82 27.67
CA GLN A 383 33.11 -49.15 27.90
C GLN A 383 33.75 -49.55 29.24
N GLN A 384 32.97 -49.59 30.32
CA GLN A 384 33.43 -49.99 31.65
C GLN A 384 33.82 -51.48 31.70
N ALA A 385 33.00 -52.36 31.12
CA ALA A 385 33.30 -53.79 31.01
C ALA A 385 34.62 -54.02 30.25
N GLY A 386 34.75 -53.44 29.05
CA GLY A 386 35.94 -53.55 28.21
C GLY A 386 37.21 -53.03 28.90
N THR A 387 37.11 -51.91 29.63
CA THR A 387 38.24 -51.35 30.37
C THR A 387 38.72 -52.29 31.49
N SER A 388 37.81 -52.85 32.29
CA SER A 388 38.19 -53.82 33.33
C SER A 388 38.76 -55.13 32.75
N VAL A 389 38.24 -55.59 31.60
CA VAL A 389 38.75 -56.78 30.89
C VAL A 389 40.14 -56.53 30.30
N LEU A 390 40.44 -55.33 29.77
CA LEU A 390 41.78 -54.96 29.30
C LEU A 390 42.82 -54.99 30.43
N ALA A 391 42.48 -54.52 31.63
CA ALA A 391 43.34 -54.68 32.80
C ALA A 391 43.62 -56.17 33.10
N GLN A 392 42.61 -57.05 33.04
CA GLN A 392 42.82 -58.50 33.20
C GLN A 392 43.70 -59.09 32.09
N ALA A 393 43.50 -58.73 30.82
CA ALA A 393 44.35 -59.17 29.71
C ALA A 393 45.82 -58.75 29.87
N ASN A 394 46.07 -57.54 30.38
CA ASN A 394 47.42 -57.08 30.70
C ASN A 394 48.06 -57.84 31.89
N GLN A 395 47.29 -58.46 32.78
CA GLN A 395 47.82 -59.30 33.86
C GLN A 395 48.18 -60.73 33.44
N VAL A 396 47.58 -61.29 32.38
CA VAL A 396 47.81 -62.67 31.93
C VAL A 396 49.30 -63.07 31.85
N PRO A 397 50.21 -62.29 31.22
CA PRO A 397 51.62 -62.67 31.15
C PRO A 397 52.42 -62.58 32.46
N GLN A 398 51.93 -61.93 33.53
CA GLN A 398 52.64 -61.86 34.82
C GLN A 398 52.98 -63.24 35.38
N ASN A 399 52.13 -64.22 35.08
CA ASN A 399 52.28 -65.64 35.35
C ASN A 399 53.68 -66.20 35.03
N VAL A 400 54.27 -65.80 33.90
CA VAL A 400 55.58 -66.28 33.42
C VAL A 400 56.72 -65.89 34.35
N LEU A 401 56.68 -64.73 35.00
CA LEU A 401 57.76 -64.29 35.89
C LEU A 401 57.98 -65.29 37.03
N SER A 402 56.93 -65.93 37.53
CA SER A 402 57.05 -66.96 38.58
C SER A 402 57.86 -68.19 38.16
N LEU A 403 58.04 -68.46 36.86
CA LEU A 403 58.93 -69.51 36.37
C LEU A 403 60.41 -69.12 36.40
N LEU A 404 60.71 -67.82 36.42
CA LEU A 404 62.06 -67.27 36.42
C LEU A 404 62.58 -66.98 37.82
N ARG A 405 61.80 -66.27 38.64
CA ARG A 405 62.22 -65.74 39.96
C ARG A 405 62.28 -66.79 41.07
#